data_3NJM
#
_entry.id   3NJM
#
_cell.length_a   99.438
_cell.length_b   99.438
_cell.length_c   101.147
_cell.angle_alpha   90.000
_cell.angle_beta   90.000
_cell.angle_gamma   120.000
#
_symmetry.space_group_name_H-M   'H 3 2'
#
loop_
_entity.id
_entity.type
_entity.pdbx_description
1 polymer Peptidase
2 water water
#
_entity_poly.entity_id   1
_entity_poly.type   'polypeptide(L)'
_entity_poly.pdbx_seq_one_letter_code
;SNAMFAPQGLAQFIKVNVTLENGEPVFIYTDANGQVCQGDITVTQAGTITYLLNDQTLKGLKFVGVGFVTPFDGIIDAVT
ISSDGMLVQLVDLDKTPGTTKFQFVLSNTANTLLVLSPDAQIINRPQN
;
_entity_poly.pdbx_strand_id   A
#
# COMPACT_ATOMS: atom_id res chain seq x y z
N ALA A 6 21.39 -18.72 0.67
CA ALA A 6 21.17 -17.41 1.35
C ALA A 6 19.70 -17.26 1.80
N PRO A 7 19.51 -16.60 2.95
CA PRO A 7 18.22 -16.38 3.64
C PRO A 7 17.26 -15.58 2.82
N GLN A 8 16.02 -16.05 2.71
N GLN A 8 16.02 -16.04 2.70
CA GLN A 8 14.99 -15.30 2.00
CA GLN A 8 15.01 -15.25 2.03
C GLN A 8 13.85 -14.81 2.95
N GLY A 9 13.20 -13.72 2.57
CA GLY A 9 12.05 -13.21 3.26
C GLY A 9 10.74 -13.60 2.61
N LEU A 10 9.67 -12.95 3.04
CA LEU A 10 8.36 -13.23 2.51
CA LEU A 10 8.30 -13.19 2.54
C LEU A 10 7.90 -12.08 1.59
N ALA A 11 7.25 -12.43 0.49
CA ALA A 11 6.68 -11.43 -0.45
C ALA A 11 5.16 -11.58 -0.39
N GLN A 12 4.48 -10.51 0.03
CA GLN A 12 3.02 -10.45 0.14
C GLN A 12 2.52 -9.65 -1.03
N PHE A 13 1.35 -9.97 -1.56
CA PHE A 13 0.72 -9.34 -2.73
C PHE A 13 -0.73 -8.96 -2.43
N ILE A 14 -1.04 -7.68 -2.63
CA ILE A 14 -2.34 -7.10 -2.30
C ILE A 14 -2.80 -6.32 -3.48
N LYS A 15 -4.05 -6.48 -3.88
CA LYS A 15 -4.62 -5.67 -4.96
CA LYS A 15 -4.63 -5.64 -4.94
C LYS A 15 -5.40 -4.50 -4.33
N VAL A 16 -5.14 -3.30 -4.83
CA VAL A 16 -5.79 -2.07 -4.43
C VAL A 16 -6.84 -1.71 -5.47
N ASN A 17 -8.08 -2.15 -5.20
CA ASN A 17 -9.17 -1.90 -6.07
C ASN A 17 -9.77 -0.55 -5.68
N VAL A 18 -9.92 0.35 -6.64
CA VAL A 18 -10.51 1.67 -6.35
C VAL A 18 -11.75 1.85 -7.22
N THR A 19 -12.89 2.03 -6.55
CA THR A 19 -14.16 2.28 -7.25
C THR A 19 -14.62 3.69 -6.88
N LEU A 20 -15.68 4.18 -7.53
CA LEU A 20 -16.33 5.39 -7.13
C LEU A 20 -17.70 5.11 -6.54
N GLU A 21 -17.96 5.64 -5.37
CA GLU A 21 -19.30 5.62 -4.78
CA GLU A 21 -19.28 5.61 -4.71
C GLU A 21 -19.66 7.06 -4.43
N ASN A 22 -20.81 7.50 -4.92
CA ASN A 22 -21.24 8.87 -4.72
C ASN A 22 -20.16 9.87 -5.23
N GLY A 23 -19.53 9.49 -6.34
CA GLY A 23 -18.57 10.41 -6.99
C GLY A 23 -17.20 10.39 -6.38
N GLU A 24 -16.97 9.62 -5.32
CA GLU A 24 -15.69 9.67 -4.60
C GLU A 24 -15.04 8.29 -4.45
N PRO A 25 -13.71 8.25 -4.32
CA PRO A 25 -13.02 6.98 -4.36
C PRO A 25 -13.23 6.14 -3.09
N VAL A 26 -13.36 4.85 -3.31
CA VAL A 26 -13.42 3.85 -2.25
C VAL A 26 -12.35 2.81 -2.56
N PHE A 27 -11.56 2.51 -1.54
CA PHE A 27 -10.43 1.58 -1.64
C PHE A 27 -10.82 0.23 -1.06
N ILE A 28 -10.73 -0.82 -1.90
CA ILE A 28 -11.06 -2.16 -1.47
C ILE A 28 -9.84 -3.02 -1.73
N TYR A 29 -9.27 -3.56 -0.66
CA TYR A 29 -8.08 -4.43 -0.78
C TYR A 29 -8.45 -5.86 -0.94
N THR A 30 -7.85 -6.57 -1.87
CA THR A 30 -8.03 -8.00 -1.94
C THR A 30 -6.72 -8.71 -1.88
N ASP A 31 -6.79 -9.90 -1.28
CA ASP A 31 -5.62 -10.69 -1.09
C ASP A 31 -5.47 -11.68 -2.21
N ALA A 32 -4.46 -12.52 -2.10
CA ALA A 32 -4.13 -13.44 -3.18
C ALA A 32 -5.26 -14.50 -3.43
N ASN A 33 -6.13 -14.75 -2.44
CA ASN A 33 -7.29 -15.61 -2.64
C ASN A 33 -8.55 -14.89 -3.24
N GLY A 34 -8.50 -13.58 -3.51
CA GLY A 34 -9.70 -12.81 -3.95
C GLY A 34 -10.58 -12.40 -2.82
N GLN A 35 -10.04 -12.55 -1.64
CA GLN A 35 -10.81 -12.15 -0.52
C GLN A 35 -10.59 -10.70 -0.23
N VAL A 36 -11.67 -9.97 -0.02
CA VAL A 36 -11.60 -8.67 0.57
C VAL A 36 -10.87 -8.82 1.91
N CYS A 37 -9.90 -7.94 2.12
CA CYS A 37 -9.18 -7.86 3.35
CA CYS A 37 -9.19 -7.83 3.37
C CYS A 37 -9.18 -6.40 3.82
N GLN A 38 -8.94 -6.19 5.11
CA GLN A 38 -8.67 -4.83 5.62
CA GLN A 38 -8.65 -4.85 5.65
C GLN A 38 -7.29 -4.31 5.13
N GLY A 39 -7.02 -3.03 5.30
CA GLY A 39 -5.72 -2.44 4.90
C GLY A 39 -4.52 -2.84 5.79
N ASP A 40 -4.80 -3.33 6.99
CA ASP A 40 -3.75 -3.66 7.97
C ASP A 40 -2.96 -4.94 7.63
N ILE A 41 -1.65 -4.87 7.75
CA ILE A 41 -0.76 -6.03 7.57
C ILE A 41 0.19 -6.19 8.76
N THR A 42 0.36 -7.44 9.18
CA THR A 42 1.36 -7.80 10.18
C THR A 42 2.55 -8.39 9.44
N VAL A 43 3.76 -7.92 9.77
CA VAL A 43 4.97 -8.42 9.14
C VAL A 43 5.74 -9.15 10.23
N THR A 44 6.01 -10.43 9.99
CA THR A 44 6.65 -11.25 11.01
C THR A 44 8.08 -11.66 10.62
N GLN A 45 8.55 -11.24 9.44
CA GLN A 45 9.97 -11.36 9.06
C GLN A 45 10.24 -10.37 7.92
N ALA A 46 11.52 -10.19 7.59
CA ALA A 46 11.92 -9.26 6.55
C ALA A 46 11.22 -9.66 5.26
N GLY A 47 10.82 -8.66 4.46
CA GLY A 47 10.20 -8.99 3.22
C GLY A 47 9.68 -7.76 2.50
N THR A 48 8.81 -8.01 1.55
CA THR A 48 8.24 -7.00 0.71
C THR A 48 6.71 -7.12 0.71
N ILE A 49 6.04 -6.02 0.46
CA ILE A 49 4.60 -5.97 0.24
C ILE A 49 4.37 -5.28 -1.08
N THR A 50 3.72 -5.96 -2.01
CA THR A 50 3.53 -5.43 -3.36
C THR A 50 2.05 -5.10 -3.52
N TYR A 51 1.75 -3.86 -3.83
CA TYR A 51 0.40 -3.36 -4.08
C TYR A 51 0.18 -3.07 -5.56
N LEU A 52 -0.82 -3.75 -6.15
CA LEU A 52 -1.19 -3.57 -7.55
CA LEU A 52 -1.20 -3.66 -7.52
C LEU A 52 -2.47 -2.80 -7.66
N LEU A 53 -2.43 -1.69 -8.38
CA LEU A 53 -3.59 -0.83 -8.58
C LEU A 53 -4.56 -1.38 -9.62
N ASN A 54 -5.81 -1.56 -9.18
CA ASN A 54 -6.92 -1.86 -10.10
C ASN A 54 -7.92 -0.68 -10.05
N ASP A 55 -7.69 0.31 -10.91
CA ASP A 55 -8.46 1.53 -10.94
C ASP A 55 -9.73 1.35 -11.77
N GLN A 56 -10.87 1.36 -11.10
CA GLN A 56 -12.17 1.20 -11.75
CA GLN A 56 -12.15 1.21 -11.80
C GLN A 56 -12.96 2.51 -11.72
N THR A 57 -12.28 3.62 -11.49
CA THR A 57 -12.91 4.92 -11.31
C THR A 57 -13.13 5.72 -12.62
N LEU A 58 -12.40 5.39 -13.67
CA LEU A 58 -12.33 6.21 -14.87
C LEU A 58 -11.74 7.58 -14.63
N LYS A 59 -11.03 7.75 -13.50
CA LYS A 59 -10.36 9.04 -13.18
C LYS A 59 -8.87 8.99 -13.38
N GLY A 60 -8.33 7.96 -14.04
CA GLY A 60 -6.93 7.94 -14.44
C GLY A 60 -5.97 7.90 -13.25
N LEU A 61 -6.30 7.12 -12.21
CA LEU A 61 -5.47 7.07 -11.00
C LEU A 61 -4.15 6.36 -11.28
N LYS A 62 -3.09 6.93 -10.69
CA LYS A 62 -1.77 6.34 -10.71
CA LYS A 62 -1.78 6.33 -10.71
C LYS A 62 -1.17 6.52 -9.34
N PHE A 63 -0.49 5.50 -8.82
CA PHE A 63 0.26 5.70 -7.58
C PHE A 63 1.37 6.72 -7.82
N VAL A 64 1.55 7.60 -6.82
CA VAL A 64 2.77 8.41 -6.81
CA VAL A 64 2.65 8.54 -6.72
C VAL A 64 3.64 8.18 -5.60
N GLY A 65 3.17 7.47 -4.63
CA GLY A 65 3.99 7.09 -3.46
C GLY A 65 3.12 6.57 -2.35
N VAL A 66 3.73 6.36 -1.21
CA VAL A 66 3.04 5.95 0.00
C VAL A 66 3.46 6.93 1.09
N GLY A 67 2.47 7.52 1.74
CA GLY A 67 2.68 8.58 2.73
C GLY A 67 2.51 8.18 4.15
N PHE A 68 3.29 8.84 5.03
CA PHE A 68 3.34 8.49 6.44
C PHE A 68 3.33 9.75 7.26
N VAL A 69 2.53 9.77 8.33
CA VAL A 69 2.55 10.89 9.30
CA VAL A 69 2.58 10.93 9.25
C VAL A 69 3.79 10.81 10.20
N THR A 70 4.32 9.60 10.39
CA THR A 70 5.55 9.36 11.18
C THR A 70 6.58 8.64 10.28
N PRO A 71 7.09 9.38 9.30
CA PRO A 71 7.94 8.71 8.27
C PRO A 71 9.32 8.26 8.73
N PHE A 72 9.78 8.67 9.91
CA PHE A 72 11.10 8.35 10.41
C PHE A 72 11.07 7.30 11.50
N ASP A 73 9.97 6.57 11.59
CA ASP A 73 9.80 5.59 12.68
C ASP A 73 10.52 4.25 12.43
N GLY A 74 11.00 4.07 11.22
CA GLY A 74 11.76 2.86 10.84
C GLY A 74 10.95 1.59 10.59
N ILE A 75 9.62 1.67 10.59
CA ILE A 75 8.77 0.50 10.41
C ILE A 75 8.87 0.01 8.96
N ILE A 76 8.68 0.95 8.04
CA ILE A 76 8.92 0.66 6.60
C ILE A 76 10.24 1.30 6.20
N ASP A 77 11.13 0.50 5.60
CA ASP A 77 12.45 0.99 5.23
CA ASP A 77 12.45 0.97 5.21
C ASP A 77 12.49 1.81 3.92
N ALA A 78 11.65 1.43 2.95
CA ALA A 78 11.68 2.08 1.61
C ALA A 78 10.40 1.79 0.87
N VAL A 79 10.10 2.67 -0.08
CA VAL A 79 9.01 2.53 -1.02
C VAL A 79 9.57 2.60 -2.45
N THR A 80 9.12 1.68 -3.31
CA THR A 80 9.50 1.70 -4.73
C THR A 80 8.18 1.79 -5.53
N ILE A 81 8.27 2.35 -6.70
CA ILE A 81 7.10 2.60 -7.55
CA ILE A 81 7.10 2.58 -7.55
C ILE A 81 7.43 2.26 -8.99
N SER A 82 6.47 1.71 -9.73
CA SER A 82 6.72 1.40 -11.13
C SER A 82 6.49 2.66 -11.98
N SER A 83 7.01 2.63 -13.20
CA SER A 83 6.98 3.82 -14.07
C SER A 83 5.59 4.18 -14.53
N ASP A 84 4.69 3.22 -14.53
CA ASP A 84 3.31 3.44 -14.96
C ASP A 84 2.40 3.74 -13.80
N GLY A 85 2.92 3.80 -12.59
CA GLY A 85 2.12 4.09 -11.40
C GLY A 85 1.11 3.01 -11.03
N MET A 86 1.25 1.82 -11.62
CA MET A 86 0.36 0.68 -11.31
C MET A 86 0.81 -0.18 -10.13
N LEU A 87 2.07 -0.05 -9.70
CA LEU A 87 2.61 -0.84 -8.59
CA LEU A 87 2.60 -0.84 -8.58
C LEU A 87 3.37 0.06 -7.64
N VAL A 88 3.19 -0.18 -6.36
CA VAL A 88 4.09 0.31 -5.32
C VAL A 88 4.48 -0.87 -4.48
N GLN A 89 5.70 -0.85 -3.98
CA GLN A 89 6.19 -1.92 -3.11
C GLN A 89 6.78 -1.29 -1.88
N LEU A 90 6.56 -1.94 -0.74
CA LEU A 90 7.18 -1.56 0.55
C LEU A 90 8.26 -2.59 0.88
N VAL A 91 9.42 -2.10 1.31
CA VAL A 91 10.45 -2.94 1.86
C VAL A 91 10.35 -2.82 3.34
N ASP A 92 10.28 -3.95 4.03
CA ASP A 92 10.15 -3.98 5.50
C ASP A 92 11.10 -5.03 6.01
N LEU A 93 12.19 -4.53 6.59
CA LEU A 93 13.26 -5.41 7.10
C LEU A 93 12.93 -5.96 8.49
N ASP A 94 11.83 -5.49 9.07
CA ASP A 94 11.25 -6.02 10.29
C ASP A 94 12.32 -6.13 11.35
N LYS A 95 13.14 -5.08 11.47
CA LYS A 95 14.12 -5.00 12.55
C LYS A 95 13.47 -4.25 13.70
N THR A 96 12.87 -3.10 13.37
CA THR A 96 12.28 -2.25 14.40
C THR A 96 10.80 -2.72 14.56
N PRO A 97 10.44 -3.15 15.78
CA PRO A 97 9.06 -3.51 16.10
C PRO A 97 8.19 -2.27 16.31
N GLY A 98 6.88 -2.42 16.13
CA GLY A 98 5.97 -1.32 16.30
C GLY A 98 4.96 -1.27 15.17
N THR A 99 4.24 -0.16 15.14
CA THR A 99 3.18 0.00 14.16
CA THR A 99 3.11 0.03 14.25
C THR A 99 3.28 1.37 13.54
N THR A 100 2.92 1.44 12.24
CA THR A 100 2.89 2.70 11.56
C THR A 100 1.63 2.80 10.68
N LYS A 101 1.12 3.99 10.54
CA LYS A 101 -0.05 4.26 9.73
C LYS A 101 0.43 4.91 8.43
N PHE A 102 -0.16 4.45 7.35
CA PHE A 102 0.22 4.99 6.02
C PHE A 102 -1.04 5.17 5.15
N GLN A 103 -0.90 6.00 4.13
CA GLN A 103 -1.96 6.23 3.13
C GLN A 103 -1.32 6.19 1.76
N PHE A 104 -1.98 5.53 0.82
CA PHE A 104 -1.60 5.61 -0.56
C PHE A 104 -1.80 7.03 -1.11
N VAL A 105 -0.85 7.47 -1.96
CA VAL A 105 -0.93 8.81 -2.60
C VAL A 105 -0.99 8.58 -4.12
N LEU A 106 -2.03 9.13 -4.78
CA LEU A 106 -2.28 8.90 -6.18
C LEU A 106 -2.54 10.22 -6.89
N SER A 107 -2.07 10.27 -8.13
CA SER A 107 -2.52 11.31 -9.05
C SER A 107 -3.76 10.86 -9.77
N ASN A 108 -4.49 11.81 -10.32
CA ASN A 108 -5.65 11.56 -11.17
C ASN A 108 -5.66 12.46 -12.38
N THR A 109 -6.40 12.05 -13.42
CA THR A 109 -6.44 12.82 -14.64
C THR A 109 -7.62 13.80 -14.77
N ALA A 110 -8.51 13.80 -13.78
CA ALA A 110 -9.64 14.71 -13.74
C ALA A 110 -9.29 16.11 -13.20
N ASN A 111 -8.40 16.15 -12.22
CA ASN A 111 -7.92 17.40 -11.64
C ASN A 111 -6.52 17.22 -11.10
N THR A 112 -6.01 18.31 -10.52
CA THR A 112 -4.61 18.41 -10.10
C THR A 112 -4.40 18.20 -8.58
N LEU A 113 -5.47 17.72 -7.93
CA LEU A 113 -5.43 17.37 -6.54
C LEU A 113 -4.87 15.95 -6.41
N LEU A 114 -4.03 15.68 -5.42
CA LEU A 114 -3.66 14.30 -5.14
C LEU A 114 -4.77 13.57 -4.36
N VAL A 115 -4.84 12.30 -4.57
CA VAL A 115 -5.84 11.41 -3.95
C VAL A 115 -5.16 10.65 -2.85
N LEU A 116 -5.79 10.63 -1.68
CA LEU A 116 -5.24 9.88 -0.55
C LEU A 116 -6.24 8.77 -0.19
N SER A 117 -5.71 7.59 0.11
CA SER A 117 -6.55 6.59 0.72
C SER A 117 -6.75 6.89 2.19
N PRO A 118 -7.83 6.34 2.80
CA PRO A 118 -7.81 6.25 4.23
C PRO A 118 -6.62 5.53 4.79
N ASP A 119 -6.32 5.77 6.04
CA ASP A 119 -5.13 5.14 6.58
CA ASP A 119 -5.23 5.12 6.78
C ASP A 119 -5.27 3.61 6.76
N ALA A 120 -4.11 2.98 6.62
CA ALA A 120 -3.90 1.54 6.80
C ALA A 120 -2.72 1.43 7.77
N GLN A 121 -2.54 0.24 8.36
CA GLN A 121 -1.49 0.06 9.37
C GLN A 121 -0.61 -1.09 8.99
N ILE A 122 0.68 -0.94 9.25
CA ILE A 122 1.64 -2.03 9.19
C ILE A 122 2.09 -2.26 10.64
N ILE A 123 2.06 -3.53 11.06
CA ILE A 123 2.58 -3.96 12.40
C ILE A 123 3.78 -4.86 12.19
N ASN A 124 4.93 -4.46 12.74
CA ASN A 124 6.12 -5.25 12.67
C ASN A 124 6.26 -6.05 13.98
N ARG A 125 6.45 -7.35 13.80
CA ARG A 125 6.81 -8.28 14.90
CA ARG A 125 6.78 -8.30 14.88
C ARG A 125 8.10 -8.98 14.47
N PRO A 126 9.25 -8.47 14.93
CA PRO A 126 10.54 -9.05 14.51
C PRO A 126 10.76 -10.53 14.96
N GLN A 127 11.74 -11.22 14.36
CA GLN A 127 12.00 -12.64 14.62
C GLN A 127 13.02 -12.86 15.72
#